data_9CFT
#
_entry.id   9CFT
#
_cell.length_a   79.013
_cell.length_b   89.319
_cell.length_c   101.644
_cell.angle_alpha   90.000
_cell.angle_beta   90.000
_cell.angle_gamma   90.000
#
_symmetry.space_group_name_H-M   'P 21 21 21'
#
loop_
_entity.id
_entity.type
_entity.pdbx_description
1 polymer 'Importin subunit alpha-1'
2 polymer 'Capsid protein VP1'
3 non-polymer GLYCEROL
4 water water
#
loop_
_entity_poly.entity_id
_entity_poly.type
_entity_poly.pdbx_seq_one_letter_code
_entity_poly.pdbx_strand_id
1 'polypeptide(L)'
;MHHHHHHSSGLVPRGSGMLETAAALFERNHMDSPDLGTDDDDLAMADIGSNQGTVNWSVEDIVKGINSNNLESQLQATQA
ARKLLSREKQPPIDNIIRAGLIPKFVSFLGKTDCSPIQFESAWALTNIASGTSEQTKAVVDGGAIPAFISLLASPHAHIS
EQAVWALGNIAGDGSAFRDLVIKHGAIDPLLALLAVPDLSTLACGYLRNLTWTLSNLCRNKNPAPPLDAVEQILPTLVRL
LHHNDPEVLADSCWAISYLTDGPNERIEMVVKKGVVPQLVKLLGATELPIVTPALRAIGNIVTGTDEQTQKVIDAGALAV
FPSLLTNPKTNIQKEATWTMSNITAGRQDQIQQVVNHGLVPFLVGVLSKADFKTQKEAAWAITNYTSGGTVEQIVYLVHC
GIIEPLMNLLSAKDTKIIQVILDAISNIFQAAEKLGETEKLSIMIEECGGLDKIEALQRHENESVYKASLNLIEKYFSVE
EEEDQNVVPETTSEGFAFQVQDGAPGTFNF
;
A
2 'polypeptide(L)' GRAVFQAKKRVLEPFGLVEEGAKTAPGKKRPVEQSPQEPDSSSGIGKTGQQPAKKRLNFG B
#
loop_
_chem_comp.id
_chem_comp.type
_chem_comp.name
_chem_comp.formula
GOL non-polymer GLYCEROL 'C3 H8 O3'
#
# COMPACT_ATOMS: atom_id res chain seq x y z
N GLY A 53 33.02 13.70 24.35
CA GLY A 53 34.10 13.74 23.38
C GLY A 53 33.69 14.36 22.07
N THR A 54 32.74 13.71 21.39
CA THR A 54 32.19 14.20 20.13
C THR A 54 30.74 14.64 20.26
N VAL A 55 30.31 15.00 21.47
CA VAL A 55 28.94 15.40 21.74
C VAL A 55 28.82 16.92 21.68
N ASN A 56 27.76 17.39 21.03
CA ASN A 56 27.45 18.82 20.95
C ASN A 56 28.63 19.63 20.42
N TRP A 57 29.15 19.20 19.27
CA TRP A 57 30.08 20.04 18.53
C TRP A 57 29.31 21.09 17.75
N SER A 58 29.96 22.23 17.53
CA SER A 58 29.41 23.24 16.65
C SER A 58 29.78 22.89 15.21
N VAL A 59 28.87 23.21 14.28
CA VAL A 59 29.14 22.93 12.88
C VAL A 59 30.44 23.60 12.45
N GLU A 60 30.79 24.73 13.07
CA GLU A 60 32.05 25.37 12.75
C GLU A 60 33.23 24.49 13.16
N ASP A 61 33.17 23.90 14.36
CA ASP A 61 34.23 23.00 14.79
C ASP A 61 34.26 21.74 13.95
N ILE A 62 33.09 21.25 13.54
CA ILE A 62 33.05 20.09 12.64
C ILE A 62 33.78 20.40 11.34
N VAL A 63 33.51 21.59 10.78
CA VAL A 63 34.18 21.99 9.54
C VAL A 63 35.68 22.13 9.76
N LYS A 64 36.07 22.71 10.90
CA LYS A 64 37.49 22.84 11.21
C LYS A 64 38.16 21.47 11.24
N GLY A 65 37.54 20.50 11.90
CA GLY A 65 38.13 19.18 11.98
C GLY A 65 38.17 18.47 10.63
N ILE A 66 37.09 18.59 9.86
CA ILE A 66 37.04 17.91 8.56
C ILE A 66 38.08 18.50 7.61
N ASN A 67 38.31 19.81 7.69
CA ASN A 67 39.27 20.45 6.79
C ASN A 67 40.72 20.26 7.22
N SER A 68 40.95 19.67 8.38
CA SER A 68 42.32 19.33 8.78
C SER A 68 42.86 18.24 7.86
N ASN A 69 44.19 18.15 7.80
CA ASN A 69 44.86 17.10 7.04
C ASN A 69 45.21 15.90 7.91
N ASN A 70 44.47 15.69 8.99
CA ASN A 70 44.73 14.63 9.95
C ASN A 70 43.53 13.68 9.94
N LEU A 71 43.73 12.48 9.42
CA LEU A 71 42.63 11.54 9.24
C LEU A 71 41.92 11.26 10.57
N GLU A 72 42.66 11.24 11.68
CA GLU A 72 42.03 11.03 12.98
C GLU A 72 41.18 12.24 13.37
N SER A 73 41.67 13.45 13.11
CA SER A 73 40.85 14.64 13.32
C SER A 73 39.60 14.60 12.45
N GLN A 74 39.76 14.21 11.19
CA GLN A 74 38.60 14.11 10.31
C GLN A 74 37.60 13.09 10.84
N LEU A 75 38.08 11.96 11.35
CA LEU A 75 37.19 10.94 11.88
C LEU A 75 36.44 11.45 13.10
N GLN A 76 37.15 12.12 14.01
CA GLN A 76 36.48 12.70 15.18
C GLN A 76 35.42 13.69 14.76
N ALA A 77 35.73 14.57 13.81
CA ALA A 77 34.75 15.55 13.36
C ALA A 77 33.58 14.89 12.67
N THR A 78 33.82 13.82 11.90
CA THR A 78 32.73 13.15 11.22
C THR A 78 31.81 12.45 12.20
N GLN A 79 32.37 11.85 13.25
CA GLN A 79 31.53 11.28 14.30
C GLN A 79 30.73 12.38 14.99
N ALA A 80 31.36 13.53 15.25
CA ALA A 80 30.63 14.65 15.82
C ALA A 80 29.46 15.05 14.94
N ALA A 81 29.68 15.11 13.62
CA ALA A 81 28.60 15.44 12.70
C ALA A 81 27.49 14.40 12.74
N ARG A 82 27.87 13.12 12.76
CA ARG A 82 26.87 12.05 12.84
C ARG A 82 26.02 12.20 14.10
N LYS A 83 26.67 12.42 15.24
CA LYS A 83 25.91 12.57 16.48
C LYS A 83 25.03 13.82 16.43
N LEU A 84 25.52 14.89 15.82
CA LEU A 84 24.71 16.09 15.65
C LEU A 84 23.48 15.80 14.81
N LEU A 85 23.62 14.93 13.81
CA LEU A 85 22.51 14.56 12.92
C LEU A 85 21.69 13.40 13.47
N SER A 86 22.08 12.82 14.60
CA SER A 86 21.38 11.68 15.18
C SER A 86 20.45 12.06 16.32
N ARG A 87 20.44 13.31 16.74
CA ARG A 87 19.59 13.73 17.85
C ARG A 87 18.12 13.49 17.50
N GLU A 88 17.30 13.34 18.55
CA GLU A 88 15.87 13.16 18.33
C GLU A 88 15.23 14.43 17.80
N LYS A 89 15.81 15.60 18.09
CA LYS A 89 15.34 16.82 17.47
C LYS A 89 15.42 16.68 15.95
N GLN A 90 14.77 17.62 15.25
CA GLN A 90 14.98 17.73 13.82
C GLN A 90 16.45 18.09 13.62
N PRO A 91 17.27 17.21 13.05
CA PRO A 91 18.71 17.47 12.97
C PRO A 91 19.00 18.74 12.19
N PRO A 92 20.19 19.32 12.36
CA PRO A 92 20.57 20.54 11.63
C PRO A 92 21.09 20.23 10.22
N ILE A 93 20.25 19.57 9.42
CA ILE A 93 20.68 19.11 8.10
C ILE A 93 21.06 20.29 7.21
N ASP A 94 20.24 21.35 7.22
CA ASP A 94 20.51 22.48 6.35
C ASP A 94 21.85 23.13 6.69
N ASN A 95 22.16 23.28 7.98
CA ASN A 95 23.43 23.86 8.37
C ASN A 95 24.59 23.01 7.89
N ILE A 96 24.45 21.68 7.99
CA ILE A 96 25.52 20.79 7.53
C ILE A 96 25.70 20.92 6.03
N ILE A 97 24.61 21.01 5.28
CA ILE A 97 24.72 21.14 3.83
C ILE A 97 25.38 22.46 3.46
N ARG A 98 24.91 23.56 4.05
CA ARG A 98 25.47 24.87 3.71
C ARG A 98 26.97 24.93 3.94
N ALA A 99 27.46 24.23 4.96
CA ALA A 99 28.89 24.20 5.23
C ALA A 99 29.68 23.46 4.15
N GLY A 100 29.01 22.82 3.20
CA GLY A 100 29.71 22.12 2.13
C GLY A 100 30.36 20.82 2.56
N LEU A 101 29.74 20.10 3.49
CA LEU A 101 30.34 18.88 4.04
C LEU A 101 29.99 17.63 3.25
N ILE A 102 28.91 17.66 2.45
CA ILE A 102 28.50 16.46 1.71
C ILE A 102 29.64 15.90 0.86
N PRO A 103 30.37 16.71 0.07
CA PRO A 103 31.46 16.13 -0.73
C PRO A 103 32.52 15.46 0.11
N LYS A 104 32.84 16.02 1.27
CA LYS A 104 33.85 15.41 2.13
C LYS A 104 33.36 14.08 2.69
N PHE A 105 32.10 14.00 3.10
CA PHE A 105 31.55 12.73 3.55
C PHE A 105 31.58 11.70 2.42
N VAL A 106 31.21 12.12 1.21
CA VAL A 106 31.23 11.20 0.08
C VAL A 106 32.64 10.70 -0.18
N SER A 107 33.63 11.57 -0.05
CA SER A 107 35.02 11.14 -0.22
C SER A 107 35.42 10.17 0.87
N PHE A 108 35.02 10.43 2.12
CA PHE A 108 35.33 9.51 3.22
C PHE A 108 34.70 8.15 3.00
N LEU A 109 33.56 8.10 2.31
CA LEU A 109 32.96 6.80 2.01
C LEU A 109 33.90 5.88 1.25
N GLY A 110 34.89 6.44 0.54
CA GLY A 110 35.82 5.64 -0.24
C GLY A 110 37.11 5.28 0.47
N LYS A 111 37.27 5.65 1.74
CA LYS A 111 38.49 5.35 2.49
C LYS A 111 38.38 3.96 3.08
N THR A 112 38.80 2.95 2.30
CA THR A 112 38.74 1.58 2.77
C THR A 112 39.74 1.29 3.88
N ASP A 113 40.79 2.11 4.00
CA ASP A 113 41.78 1.93 5.06
C ASP A 113 41.31 2.47 6.41
N CYS A 114 40.17 3.14 6.46
CA CYS A 114 39.62 3.68 7.70
C CYS A 114 38.12 3.36 7.74
N SER A 115 37.80 2.09 8.00
CA SER A 115 36.41 1.68 8.08
C SER A 115 35.58 2.53 9.02
N PRO A 116 36.09 2.99 10.17
CA PRO A 116 35.25 3.82 11.06
C PRO A 116 34.76 5.10 10.41
N ILE A 117 35.62 5.78 9.63
CA ILE A 117 35.18 7.02 8.99
C ILE A 117 34.18 6.70 7.88
N GLN A 118 34.36 5.57 7.20
CA GLN A 118 33.34 5.12 6.27
C GLN A 118 31.99 4.97 6.97
N PHE A 119 31.98 4.32 8.13
CA PHE A 119 30.73 4.11 8.86
C PHE A 119 30.11 5.43 9.30
N GLU A 120 30.92 6.32 9.88
CA GLU A 120 30.40 7.59 10.38
C GLU A 120 29.85 8.43 9.23
N SER A 121 30.58 8.53 8.13
CA SER A 121 30.12 9.33 7.00
C SER A 121 28.87 8.72 6.38
N ALA A 122 28.81 7.39 6.30
CA ALA A 122 27.62 6.74 5.75
C ALA A 122 26.40 7.05 6.62
N TRP A 123 26.56 6.97 7.93
CA TRP A 123 25.46 7.30 8.83
C TRP A 123 25.02 8.74 8.65
N ALA A 124 25.99 9.66 8.61
CA ALA A 124 25.65 11.08 8.46
C ALA A 124 24.90 11.32 7.15
N LEU A 125 25.40 10.77 6.05
CA LEU A 125 24.76 10.96 4.76
C LEU A 125 23.40 10.30 4.72
N THR A 126 23.23 9.15 5.39
CA THR A 126 21.91 8.55 5.51
C THR A 126 20.93 9.52 6.16
N ASN A 127 21.34 10.11 7.28
CA ASN A 127 20.44 11.04 7.96
C ASN A 127 20.15 12.25 7.09
N ILE A 128 21.15 12.77 6.39
CA ILE A 128 20.92 13.89 5.49
C ILE A 128 19.90 13.52 4.43
N ALA A 129 20.08 12.34 3.81
CA ALA A 129 19.19 11.90 2.75
C ALA A 129 17.81 11.53 3.27
N SER A 130 17.63 11.40 4.58
CA SER A 130 16.32 11.10 5.14
C SER A 130 15.37 12.29 5.12
N GLY A 131 15.83 13.48 4.76
CA GLY A 131 15.02 14.68 4.90
C GLY A 131 14.23 15.06 3.66
N THR A 132 14.09 16.36 3.42
CA THR A 132 13.31 16.83 2.28
C THR A 132 13.92 16.33 0.97
N SER A 133 13.12 16.42 -0.10
CA SER A 133 13.62 16.04 -1.42
C SER A 133 14.86 16.86 -1.79
N GLU A 134 14.96 18.09 -1.30
CA GLU A 134 16.11 18.92 -1.63
C GLU A 134 17.37 18.42 -0.95
N GLN A 135 17.26 17.94 0.29
CA GLN A 135 18.42 17.42 1.00
C GLN A 135 18.86 16.08 0.44
N THR A 136 17.92 15.21 0.11
CA THR A 136 18.26 13.99 -0.60
C THR A 136 18.93 14.31 -1.93
N LYS A 137 18.43 15.34 -2.63
CA LYS A 137 19.05 15.76 -3.88
C LYS A 137 20.48 16.22 -3.64
N ALA A 138 20.71 16.96 -2.55
CA ALA A 138 22.06 17.39 -2.22
C ALA A 138 22.98 16.18 -2.02
N VAL A 139 22.48 15.15 -1.33
CA VAL A 139 23.28 13.95 -1.14
C VAL A 139 23.59 13.30 -2.49
N VAL A 140 22.58 13.15 -3.34
CA VAL A 140 22.79 12.50 -4.63
C VAL A 140 23.76 13.28 -5.50
N ASP A 141 23.63 14.61 -5.50
CA ASP A 141 24.50 15.44 -6.32
C ASP A 141 25.94 15.40 -5.88
N GLY A 142 26.19 15.03 -4.62
CA GLY A 142 27.55 14.82 -4.18
C GLY A 142 28.21 13.56 -4.71
N GLY A 143 27.49 12.75 -5.49
CA GLY A 143 28.04 11.52 -6.02
C GLY A 143 27.97 10.34 -5.07
N ALA A 144 26.97 10.32 -4.18
CA ALA A 144 26.94 9.33 -3.12
C ALA A 144 26.38 7.98 -3.56
N ILE A 145 25.62 7.93 -4.65
CA ILE A 145 24.98 6.68 -5.05
C ILE A 145 26.03 5.62 -5.39
N PRO A 146 26.97 5.90 -6.30
CA PRO A 146 27.97 4.88 -6.61
C PRO A 146 28.86 4.52 -5.43
N ALA A 147 29.17 5.50 -4.57
CA ALA A 147 29.97 5.20 -3.38
C ALA A 147 29.23 4.24 -2.45
N PHE A 148 27.94 4.48 -2.21
CA PHE A 148 27.16 3.58 -1.39
C PHE A 148 27.05 2.20 -2.02
N ILE A 149 26.90 2.15 -3.35
CA ILE A 149 26.79 0.86 -4.02
C ILE A 149 28.10 0.09 -3.87
N SER A 150 29.23 0.78 -3.93
CA SER A 150 30.51 0.12 -3.70
C SER A 150 30.63 -0.35 -2.26
N LEU A 151 30.14 0.45 -1.31
CA LEU A 151 30.21 0.06 0.09
C LEU A 151 29.27 -1.10 0.42
N LEU A 152 28.26 -1.35 -0.41
CA LEU A 152 27.39 -2.51 -0.18
C LEU A 152 28.19 -3.80 -0.05
N ALA A 153 29.37 -3.86 -0.67
CA ALA A 153 30.21 -5.04 -0.63
C ALA A 153 31.29 -4.96 0.44
N SER A 154 31.08 -4.15 1.46
CA SER A 154 32.08 -4.02 2.52
C SER A 154 32.09 -5.27 3.40
N PRO A 155 33.25 -5.68 3.88
CA PRO A 155 33.30 -6.85 4.78
C PRO A 155 32.66 -6.60 6.13
N HIS A 156 32.49 -5.35 6.54
CA HIS A 156 31.88 -5.01 7.81
C HIS A 156 30.36 -4.90 7.63
N ALA A 157 29.63 -5.56 8.53
CA ALA A 157 28.17 -5.66 8.35
C ALA A 157 27.48 -4.32 8.61
N HIS A 158 27.94 -3.56 9.60
CA HIS A 158 27.26 -2.32 9.94
C HIS A 158 27.45 -1.25 8.85
N ILE A 159 28.61 -1.25 8.19
CA ILE A 159 28.82 -0.32 7.08
C ILE A 159 27.91 -0.69 5.91
N SER A 160 27.86 -1.97 5.56
CA SER A 160 26.96 -2.41 4.50
C SER A 160 25.52 -2.06 4.84
N GLU A 161 25.13 -2.22 6.10
CA GLU A 161 23.77 -1.89 6.52
C GLU A 161 23.50 -0.41 6.34
N GLN A 162 24.45 0.45 6.71
CA GLN A 162 24.25 1.88 6.53
C GLN A 162 24.15 2.23 5.04
N ALA A 163 24.93 1.56 4.20
CA ALA A 163 24.81 1.79 2.76
C ALA A 163 23.44 1.39 2.25
N VAL A 164 22.93 0.24 2.71
CA VAL A 164 21.58 -0.19 2.34
C VAL A 164 20.56 0.86 2.76
N TRP A 165 20.69 1.36 3.99
CA TRP A 165 19.74 2.34 4.51
C TRP A 165 19.77 3.62 3.69
N ALA A 166 20.98 4.12 3.38
CA ALA A 166 21.11 5.34 2.60
C ALA A 166 20.48 5.16 1.22
N LEU A 167 20.78 4.05 0.55
CA LEU A 167 20.18 3.80 -0.75
C LEU A 167 18.66 3.70 -0.64
N GLY A 168 18.15 3.15 0.47
CA GLY A 168 16.72 3.08 0.66
C GLY A 168 16.09 4.46 0.77
N ASN A 169 16.71 5.36 1.54
CA ASN A 169 16.20 6.72 1.62
C ASN A 169 16.23 7.41 0.26
N ILE A 170 17.34 7.27 -0.46
CA ILE A 170 17.46 7.89 -1.77
C ILE A 170 16.36 7.40 -2.70
N ALA A 171 16.17 6.08 -2.77
CA ALA A 171 15.14 5.52 -3.64
C ALA A 171 13.75 5.96 -3.18
N GLY A 172 13.53 6.03 -1.86
CA GLY A 172 12.25 6.43 -1.33
C GLY A 172 11.90 7.87 -1.61
N ASP A 173 12.90 8.68 -1.99
CA ASP A 173 12.59 10.05 -2.41
C ASP A 173 11.56 10.08 -3.54
N GLY A 174 11.69 9.21 -4.52
CA GLY A 174 10.77 9.21 -5.65
C GLY A 174 11.25 8.33 -6.77
N SER A 175 10.42 8.27 -7.82
CA SER A 175 10.70 7.36 -8.93
C SER A 175 11.97 7.75 -9.69
N ALA A 176 12.27 9.04 -9.76
CA ALA A 176 13.48 9.46 -10.47
C ALA A 176 14.73 8.94 -9.78
N PHE A 177 14.87 9.19 -8.47
CA PHE A 177 16.03 8.70 -7.75
C PHE A 177 16.01 7.18 -7.61
N ARG A 178 14.81 6.57 -7.53
CA ARG A 178 14.72 5.12 -7.54
C ARG A 178 15.33 4.55 -8.81
N ASP A 179 14.89 5.06 -9.97
CA ASP A 179 15.43 4.58 -11.23
C ASP A 179 16.92 4.89 -11.34
N LEU A 180 17.37 6.02 -10.79
CA LEU A 180 18.79 6.33 -10.83
C LEU A 180 19.60 5.33 -10.00
N VAL A 181 19.10 4.98 -8.82
CA VAL A 181 19.76 3.97 -8.00
C VAL A 181 19.83 2.65 -8.76
N ILE A 182 18.74 2.29 -9.46
CA ILE A 182 18.73 1.06 -10.23
C ILE A 182 19.75 1.13 -11.37
N LYS A 183 19.86 2.29 -12.01
CA LYS A 183 20.77 2.43 -13.14
C LYS A 183 22.23 2.32 -12.71
N HIS A 184 22.55 2.75 -11.49
CA HIS A 184 23.91 2.61 -10.99
C HIS A 184 24.25 1.17 -10.61
N GLY A 185 23.28 0.26 -10.61
CA GLY A 185 23.55 -1.15 -10.42
C GLY A 185 23.46 -1.65 -9.00
N ALA A 186 22.46 -1.17 -8.26
CA ALA A 186 22.34 -1.51 -6.84
C ALA A 186 21.61 -2.82 -6.60
N ILE A 187 20.72 -3.22 -7.53
CA ILE A 187 19.89 -4.40 -7.28
C ILE A 187 20.76 -5.64 -7.15
N ASP A 188 21.77 -5.78 -8.01
CA ASP A 188 22.62 -6.97 -7.95
C ASP A 188 23.29 -7.13 -6.59
N PRO A 189 24.07 -6.16 -6.10
CA PRO A 189 24.68 -6.34 -4.76
C PRO A 189 23.66 -6.41 -3.63
N LEU A 190 22.56 -5.67 -3.73
CA LEU A 190 21.53 -5.78 -2.70
C LEU A 190 21.01 -7.21 -2.60
N LEU A 191 20.65 -7.81 -3.73
CA LEU A 191 20.14 -9.17 -3.73
C LEU A 191 21.22 -10.18 -3.35
N ALA A 192 22.49 -9.87 -3.69
CA ALA A 192 23.57 -10.76 -3.28
C ALA A 192 23.71 -10.80 -1.77
N LEU A 193 23.51 -9.66 -1.11
CA LEU A 193 23.54 -9.66 0.35
C LEU A 193 22.53 -10.63 0.97
N LEU A 194 21.51 -11.03 0.21
CA LEU A 194 20.51 -11.97 0.70
C LEU A 194 20.66 -13.36 0.08
N ALA A 195 21.76 -13.62 -0.63
CA ALA A 195 21.98 -14.93 -1.24
C ALA A 195 22.62 -15.87 -0.21
N VAL A 196 21.81 -16.21 0.79
CA VAL A 196 22.24 -17.09 1.87
C VAL A 196 21.34 -18.32 1.90
N PRO A 197 21.82 -19.45 2.43
CA PRO A 197 20.94 -20.64 2.48
C PRO A 197 19.70 -20.44 3.34
N ASP A 198 19.85 -19.81 4.49
CA ASP A 198 18.74 -19.58 5.41
C ASP A 198 18.78 -18.13 5.88
N LEU A 199 17.68 -17.39 5.67
CA LEU A 199 17.62 -16.00 6.09
C LEU A 199 17.75 -15.84 7.60
N SER A 200 17.48 -16.89 8.37
CA SER A 200 17.53 -16.79 9.83
C SER A 200 18.94 -16.55 10.34
N THR A 201 19.97 -16.81 9.52
CA THR A 201 21.34 -16.58 9.94
C THR A 201 21.75 -15.12 9.88
N LEU A 202 20.94 -14.26 9.28
CA LEU A 202 21.23 -12.84 9.18
C LEU A 202 20.71 -12.11 10.41
N ALA A 203 21.40 -11.03 10.76
CA ALA A 203 20.95 -10.20 11.87
C ALA A 203 19.56 -9.66 11.59
N CYS A 204 18.76 -9.52 12.65
CA CYS A 204 17.37 -9.09 12.50
C CYS A 204 17.30 -7.71 11.84
N GLY A 205 17.97 -6.73 12.43
CA GLY A 205 17.92 -5.38 11.88
C GLY A 205 18.48 -5.30 10.47
N TYR A 206 19.54 -6.07 10.20
CA TYR A 206 20.13 -6.08 8.87
C TYR A 206 19.10 -6.53 7.83
N LEU A 207 18.44 -7.67 8.09
CA LEU A 207 17.45 -8.18 7.15
C LEU A 207 16.27 -7.22 7.03
N ARG A 208 15.85 -6.61 8.13
CA ARG A 208 14.76 -5.66 8.07
C ARG A 208 15.10 -4.47 7.19
N ASN A 209 16.31 -3.93 7.33
CA ASN A 209 16.71 -2.79 6.51
C ASN A 209 16.80 -3.18 5.04
N LEU A 210 17.36 -4.36 4.75
CA LEU A 210 17.43 -4.81 3.37
C LEU A 210 16.03 -4.92 2.77
N THR A 211 15.10 -5.52 3.52
CA THR A 211 13.73 -5.67 3.02
C THR A 211 13.08 -4.32 2.77
N TRP A 212 13.28 -3.37 3.70
CA TRP A 212 12.69 -2.05 3.53
C TRP A 212 13.26 -1.34 2.30
N THR A 213 14.57 -1.42 2.10
CA THR A 213 15.17 -0.80 0.93
C THR A 213 14.64 -1.43 -0.36
N LEU A 214 14.53 -2.76 -0.39
CA LEU A 214 13.98 -3.42 -1.56
C LEU A 214 12.53 -2.97 -1.80
N SER A 215 11.75 -2.83 -0.74
CA SER A 215 10.37 -2.37 -0.91
C SER A 215 10.34 -0.97 -1.51
N ASN A 216 11.26 -0.10 -1.07
CA ASN A 216 11.34 1.23 -1.67
C ASN A 216 11.78 1.17 -3.13
N LEU A 217 12.56 0.17 -3.51
CA LEU A 217 12.90 0.01 -4.91
C LEU A 217 11.71 -0.48 -5.75
N CYS A 218 10.70 -1.08 -5.11
CA CYS A 218 9.47 -1.48 -5.79
C CYS A 218 8.40 -0.40 -5.75
N ARG A 219 8.66 0.72 -5.11
CA ARG A 219 7.63 1.69 -4.75
C ARG A 219 7.52 2.79 -5.82
N ASN A 220 6.40 3.52 -5.75
CA ASN A 220 6.17 4.71 -6.54
C ASN A 220 5.81 4.40 -7.99
N LYS A 221 5.06 5.31 -8.61
CA LYS A 221 4.52 5.14 -9.95
C LYS A 221 4.80 6.40 -10.77
N ASN A 222 4.37 6.39 -12.02
CA ASN A 222 4.56 7.50 -12.94
C ASN A 222 6.02 7.96 -12.95
N PRO A 223 6.95 7.10 -13.40
CA PRO A 223 6.71 5.74 -13.87
C PRO A 223 6.79 4.68 -12.77
N ALA A 224 6.33 3.49 -13.08
CA ALA A 224 6.55 2.34 -12.20
C ALA A 224 7.96 1.81 -12.41
N PRO A 225 8.46 1.01 -11.48
CA PRO A 225 9.85 0.52 -11.59
C PRO A 225 10.08 -0.21 -12.89
N PRO A 226 11.32 -0.27 -13.38
CA PRO A 226 11.58 -0.98 -14.63
C PRO A 226 11.16 -2.44 -14.55
N LEU A 227 10.52 -2.92 -15.62
CA LEU A 227 10.03 -4.30 -15.65
C LEU A 227 11.14 -5.30 -15.36
N ASP A 228 12.30 -5.11 -15.99
CA ASP A 228 13.42 -6.03 -15.76
C ASP A 228 13.85 -6.01 -14.31
N ALA A 229 13.83 -4.83 -13.68
CA ALA A 229 14.19 -4.76 -12.26
C ALA A 229 13.17 -5.49 -11.39
N VAL A 230 11.88 -5.30 -11.67
CA VAL A 230 10.84 -5.98 -10.90
C VAL A 230 10.99 -7.49 -11.03
N GLU A 231 11.25 -7.97 -12.25
CA GLU A 231 11.43 -9.41 -12.46
C GLU A 231 12.70 -9.90 -11.79
N GLN A 232 13.73 -9.05 -11.69
CA GLN A 232 14.95 -9.44 -11.00
C GLN A 232 14.74 -9.52 -9.49
N ILE A 233 13.82 -8.71 -8.95
CA ILE A 233 13.64 -8.66 -7.50
C ILE A 233 12.60 -9.64 -6.99
N LEU A 234 11.58 -9.95 -7.80
CA LEU A 234 10.45 -10.74 -7.30
C LEU A 234 10.83 -12.03 -6.58
N PRO A 235 11.70 -12.88 -7.11
CA PRO A 235 12.03 -14.12 -6.39
C PRO A 235 12.50 -13.90 -4.95
N THR A 236 13.42 -12.96 -4.75
CA THR A 236 13.84 -12.65 -3.39
C THR A 236 12.66 -12.18 -2.55
N LEU A 237 11.74 -11.42 -3.15
CA LEU A 237 10.58 -10.96 -2.40
C LEU A 237 9.70 -12.12 -1.96
N VAL A 238 9.52 -13.12 -2.82
CA VAL A 238 8.74 -14.30 -2.42
C VAL A 238 9.45 -15.01 -1.27
N ARG A 239 10.75 -15.24 -1.42
CA ARG A 239 11.54 -15.84 -0.35
C ARG A 239 11.31 -15.11 0.98
N LEU A 240 11.40 -13.77 0.95
CA LEU A 240 11.17 -13.00 2.16
C LEU A 240 9.73 -13.11 2.65
N LEU A 241 8.78 -13.27 1.72
CA LEU A 241 7.38 -13.41 2.09
C LEU A 241 7.13 -14.72 2.84
N HIS A 242 8.02 -15.70 2.68
CA HIS A 242 7.94 -16.91 3.49
C HIS A 242 8.76 -16.84 4.78
N HIS A 243 9.25 -15.66 5.15
CA HIS A 243 10.02 -15.53 6.38
C HIS A 243 9.10 -15.44 7.59
N ASN A 244 9.69 -15.48 8.79
CA ASN A 244 8.94 -15.51 10.02
C ASN A 244 8.95 -14.19 10.80
N ASP A 245 9.84 -13.27 10.46
CA ASP A 245 9.88 -11.98 11.17
C ASP A 245 8.70 -11.11 10.76
N PRO A 246 7.86 -10.66 11.69
CA PRO A 246 6.68 -9.87 11.29
C PRO A 246 7.01 -8.60 10.53
N GLU A 247 8.12 -7.94 10.85
CA GLU A 247 8.45 -6.69 10.16
C GLU A 247 8.92 -6.94 8.74
N VAL A 248 9.76 -7.97 8.55
CA VAL A 248 10.14 -8.38 7.20
C VAL A 248 8.88 -8.70 6.39
N LEU A 249 7.96 -9.46 6.97
CA LEU A 249 6.73 -9.84 6.26
C LEU A 249 5.90 -8.61 5.90
N ALA A 250 5.80 -7.65 6.82
CA ALA A 250 5.06 -6.44 6.53
C ALA A 250 5.68 -5.68 5.36
N ASP A 251 7.00 -5.49 5.39
CA ASP A 251 7.65 -4.74 4.32
C ASP A 251 7.54 -5.48 2.99
N SER A 252 7.62 -6.82 3.02
CA SER A 252 7.49 -7.60 1.78
C SER A 252 6.08 -7.50 1.21
N CYS A 253 5.07 -7.57 2.07
CA CYS A 253 3.69 -7.40 1.60
C CYS A 253 3.46 -6.01 1.06
N TRP A 254 4.11 -5.00 1.64
CA TRP A 254 3.99 -3.65 1.09
C TRP A 254 4.65 -3.56 -0.28
N ALA A 255 5.81 -4.21 -0.44
CA ALA A 255 6.44 -4.24 -1.76
C ALA A 255 5.52 -4.89 -2.79
N ILE A 256 4.89 -6.01 -2.41
CA ILE A 256 3.98 -6.69 -3.33
C ILE A 256 2.78 -5.80 -3.64
N SER A 257 2.29 -5.07 -2.65
CA SER A 257 1.19 -4.14 -2.89
C SER A 257 1.59 -3.06 -3.88
N TYR A 258 2.80 -2.51 -3.72
CA TYR A 258 3.29 -1.54 -4.69
C TYR A 258 3.31 -2.14 -6.09
N LEU A 259 3.86 -3.34 -6.23
CA LEU A 259 4.00 -3.95 -7.55
C LEU A 259 2.64 -4.27 -8.17
N THR A 260 1.64 -4.60 -7.36
CA THR A 260 0.33 -4.95 -7.88
C THR A 260 -0.55 -3.74 -8.14
N ASP A 261 -0.11 -2.53 -7.78
CA ASP A 261 -0.88 -1.32 -8.01
C ASP A 261 -0.52 -0.75 -9.38
N GLY A 262 -1.15 -1.32 -10.41
CA GLY A 262 -0.90 -0.91 -11.76
C GLY A 262 -1.73 -1.68 -12.77
N PRO A 263 -1.38 -1.57 -14.04
CA PRO A 263 -2.13 -2.31 -15.07
C PRO A 263 -2.03 -3.82 -14.88
N ASN A 264 -2.84 -4.54 -15.66
CA ASN A 264 -2.99 -5.97 -15.45
C ASN A 264 -1.71 -6.74 -15.75
N GLU A 265 -0.77 -6.17 -16.51
CA GLU A 265 0.47 -6.88 -16.80
C GLU A 265 1.38 -6.93 -15.58
N ARG A 266 1.42 -5.86 -14.78
CA ARG A 266 2.14 -5.90 -13.51
C ARG A 266 1.51 -6.92 -12.58
N ILE A 267 0.18 -6.89 -12.46
CA ILE A 267 -0.53 -7.87 -11.64
C ILE A 267 -0.17 -9.28 -12.09
N GLU A 268 -0.10 -9.50 -13.41
CA GLU A 268 0.22 -10.83 -13.93
C GLU A 268 1.63 -11.24 -13.56
N MET A 269 2.59 -10.34 -13.71
CA MET A 269 3.95 -10.63 -13.28
C MET A 269 3.96 -11.10 -11.82
N VAL A 270 3.24 -10.39 -10.96
CA VAL A 270 3.23 -10.75 -9.55
C VAL A 270 2.55 -12.10 -9.35
N VAL A 271 1.40 -12.31 -10.00
CA VAL A 271 0.61 -13.51 -9.75
C VAL A 271 1.32 -14.76 -10.26
N LYS A 272 2.10 -14.64 -11.34
CA LYS A 272 2.73 -15.83 -11.91
C LYS A 272 3.77 -16.43 -10.97
N LYS A 273 4.31 -15.65 -10.05
CA LYS A 273 5.24 -16.20 -9.07
C LYS A 273 4.56 -17.06 -8.02
N GLY A 274 3.22 -17.14 -8.03
CA GLY A 274 2.52 -18.01 -7.12
C GLY A 274 2.45 -17.53 -5.69
N VAL A 275 2.42 -16.21 -5.47
CA VAL A 275 2.42 -15.66 -4.12
C VAL A 275 1.01 -15.48 -3.54
N VAL A 276 -0.03 -15.64 -4.36
CA VAL A 276 -1.40 -15.40 -3.89
C VAL A 276 -1.74 -16.28 -2.69
N PRO A 277 -1.44 -17.58 -2.68
CA PRO A 277 -1.72 -18.38 -1.48
C PRO A 277 -1.04 -17.86 -0.24
N GLN A 278 0.25 -17.52 -0.33
CA GLN A 278 0.95 -16.97 0.81
C GLN A 278 0.34 -15.64 1.23
N LEU A 279 -0.12 -14.84 0.26
CA LEU A 279 -0.77 -13.58 0.60
C LEU A 279 -2.05 -13.82 1.39
N VAL A 280 -2.83 -14.83 1.00
CA VAL A 280 -4.03 -15.16 1.76
C VAL A 280 -3.67 -15.63 3.17
N LYS A 281 -2.66 -16.50 3.27
CA LYS A 281 -2.19 -16.94 4.58
C LYS A 281 -1.86 -15.74 5.46
N LEU A 282 -1.08 -14.79 4.94
CA LEU A 282 -0.74 -13.59 5.71
C LEU A 282 -1.97 -12.74 5.97
N LEU A 283 -2.94 -12.77 5.06
CA LEU A 283 -4.20 -12.08 5.29
C LEU A 283 -4.90 -12.61 6.53
N GLY A 284 -4.72 -13.90 6.82
CA GLY A 284 -5.23 -14.45 8.05
C GLY A 284 -4.39 -14.19 9.28
N ALA A 285 -3.33 -13.40 9.16
CA ALA A 285 -2.45 -13.16 10.29
C ALA A 285 -3.14 -12.36 11.38
N THR A 286 -2.54 -12.36 12.57
CA THR A 286 -3.07 -11.61 13.70
C THR A 286 -2.52 -10.19 13.76
N GLU A 287 -1.27 -9.98 13.35
CA GLU A 287 -0.65 -8.67 13.43
C GLU A 287 -1.21 -7.76 12.34
N LEU A 288 -1.77 -6.62 12.75
CA LEU A 288 -2.31 -5.68 11.78
C LEU A 288 -1.26 -5.19 10.79
N PRO A 289 -0.01 -4.91 11.18
CA PRO A 289 0.98 -4.45 10.19
C PRO A 289 1.18 -5.42 9.05
N ILE A 290 0.81 -6.69 9.22
CA ILE A 290 0.89 -7.67 8.15
C ILE A 290 -0.41 -7.72 7.37
N VAL A 291 -1.55 -7.69 8.07
CA VAL A 291 -2.84 -7.83 7.41
C VAL A 291 -3.09 -6.64 6.48
N THR A 292 -2.73 -5.44 6.91
CA THR A 292 -2.99 -4.26 6.08
C THR A 292 -2.35 -4.37 4.70
N PRO A 293 -1.04 -4.57 4.57
CA PRO A 293 -0.47 -4.69 3.22
C PRO A 293 -0.94 -5.94 2.47
N ALA A 294 -1.18 -7.04 3.18
CA ALA A 294 -1.69 -8.23 2.50
C ALA A 294 -3.06 -7.95 1.89
N LEU A 295 -3.93 -7.29 2.64
CA LEU A 295 -5.25 -6.97 2.10
C LEU A 295 -5.13 -5.97 0.95
N ARG A 296 -4.25 -4.97 1.06
CA ARG A 296 -4.06 -4.04 -0.03
C ARG A 296 -3.61 -4.76 -1.30
N ALA A 297 -2.66 -5.69 -1.17
CA ALA A 297 -2.18 -6.43 -2.33
C ALA A 297 -3.28 -7.28 -2.94
N ILE A 298 -4.08 -7.95 -2.09
CA ILE A 298 -5.19 -8.76 -2.61
C ILE A 298 -6.19 -7.88 -3.35
N GLY A 299 -6.49 -6.71 -2.79
CA GLY A 299 -7.40 -5.79 -3.48
C GLY A 299 -6.86 -5.37 -4.83
N ASN A 300 -5.60 -4.92 -4.87
CA ASN A 300 -4.96 -4.59 -6.14
C ASN A 300 -5.11 -5.74 -7.13
N ILE A 301 -4.80 -6.96 -6.69
CA ILE A 301 -4.85 -8.11 -7.60
C ILE A 301 -6.26 -8.30 -8.15
N VAL A 302 -7.27 -8.15 -7.30
CA VAL A 302 -8.65 -8.34 -7.78
C VAL A 302 -9.13 -7.16 -8.61
N THR A 303 -8.39 -6.06 -8.65
CA THR A 303 -8.78 -4.99 -9.59
C THR A 303 -8.48 -5.34 -11.04
N GLY A 304 -7.85 -6.48 -11.31
CA GLY A 304 -7.41 -6.83 -12.64
C GLY A 304 -8.42 -7.70 -13.38
N THR A 305 -7.92 -8.72 -14.06
CA THR A 305 -8.75 -9.59 -14.89
C THR A 305 -9.55 -10.56 -14.03
N ASP A 306 -10.57 -11.15 -14.65
CA ASP A 306 -11.36 -12.16 -13.95
C ASP A 306 -10.52 -13.38 -13.60
N GLU A 307 -9.49 -13.67 -14.38
CA GLU A 307 -8.61 -14.81 -14.07
C GLU A 307 -7.78 -14.53 -12.83
N GLN A 308 -7.31 -13.29 -12.66
CA GLN A 308 -6.56 -12.94 -11.46
C GLN A 308 -7.45 -12.94 -10.23
N THR A 309 -8.65 -12.38 -10.35
CA THR A 309 -9.63 -12.49 -9.28
C THR A 309 -9.91 -13.95 -8.95
N GLN A 310 -9.95 -14.80 -9.97
CA GLN A 310 -10.22 -16.21 -9.73
C GLN A 310 -9.05 -16.88 -9.01
N LYS A 311 -7.82 -16.46 -9.30
CA LYS A 311 -6.69 -16.94 -8.51
C LYS A 311 -6.84 -16.53 -7.05
N VAL A 312 -7.25 -15.28 -6.81
CA VAL A 312 -7.47 -14.82 -5.44
C VAL A 312 -8.52 -15.70 -4.75
N ILE A 313 -9.61 -16.02 -5.46
CA ILE A 313 -10.68 -16.79 -4.86
C ILE A 313 -10.24 -18.22 -4.59
N ASP A 314 -9.58 -18.85 -5.58
CA ASP A 314 -9.17 -20.24 -5.43
C ASP A 314 -8.22 -20.42 -4.25
N ALA A 315 -7.45 -19.39 -3.90
CA ALA A 315 -6.56 -19.48 -2.75
C ALA A 315 -7.30 -19.46 -1.42
N GLY A 316 -8.62 -19.29 -1.43
CA GLY A 316 -9.39 -19.30 -0.20
C GLY A 316 -9.50 -17.97 0.50
N ALA A 317 -9.37 -16.86 -0.24
CA ALA A 317 -9.35 -15.55 0.41
C ALA A 317 -10.71 -15.23 1.03
N LEU A 318 -11.80 -15.65 0.40
CA LEU A 318 -13.13 -15.28 0.89
C LEU A 318 -13.39 -15.82 2.29
N ALA A 319 -12.83 -16.99 2.62
CA ALA A 319 -13.03 -17.56 3.95
C ALA A 319 -12.51 -16.64 5.05
N VAL A 320 -11.62 -15.70 4.72
CA VAL A 320 -11.09 -14.77 5.70
C VAL A 320 -11.93 -13.52 5.86
N PHE A 321 -12.85 -13.26 4.92
CA PHE A 321 -13.54 -11.99 4.90
C PHE A 321 -14.59 -11.82 5.99
N PRO A 322 -15.17 -12.90 6.55
CA PRO A 322 -16.08 -12.69 7.69
C PRO A 322 -15.46 -11.86 8.79
N SER A 323 -14.19 -12.11 9.13
CA SER A 323 -13.53 -11.33 10.16
C SER A 323 -13.07 -9.98 9.63
N LEU A 324 -12.55 -9.95 8.40
CA LEU A 324 -12.09 -8.69 7.81
C LEU A 324 -13.22 -7.67 7.75
N LEU A 325 -14.40 -8.11 7.30
CA LEU A 325 -15.54 -7.20 7.21
C LEU A 325 -16.11 -6.84 8.58
N THR A 326 -15.65 -7.48 9.65
CA THR A 326 -16.01 -7.10 11.01
C THR A 326 -14.78 -6.71 11.83
N ASN A 327 -13.70 -6.34 11.16
CA ASN A 327 -12.46 -6.03 11.86
C ASN A 327 -12.62 -4.77 12.70
N PRO A 328 -12.03 -4.72 13.89
CA PRO A 328 -12.12 -3.48 14.68
C PRO A 328 -11.54 -2.27 13.97
N LYS A 329 -10.52 -2.45 13.14
CA LYS A 329 -9.92 -1.33 12.41
C LYS A 329 -10.79 -0.96 11.22
N THR A 330 -11.28 0.29 11.22
CA THR A 330 -12.16 0.72 10.13
C THR A 330 -11.43 0.71 8.80
N ASN A 331 -10.11 0.90 8.81
CA ASN A 331 -9.36 0.88 7.56
C ASN A 331 -9.36 -0.51 6.94
N ILE A 332 -9.13 -1.54 7.75
CA ILE A 332 -9.22 -2.91 7.26
C ILE A 332 -10.63 -3.18 6.74
N GLN A 333 -11.64 -2.72 7.46
CA GLN A 333 -13.02 -2.94 7.05
C GLN A 333 -13.28 -2.30 5.68
N LYS A 334 -12.82 -1.07 5.49
CA LYS A 334 -13.03 -0.38 4.22
C LYS A 334 -12.28 -1.06 3.09
N GLU A 335 -11.02 -1.44 3.32
CA GLU A 335 -10.26 -2.11 2.27
C GLU A 335 -10.90 -3.44 1.90
N ALA A 336 -11.41 -4.17 2.89
CA ALA A 336 -12.05 -5.45 2.60
C ALA A 336 -13.35 -5.25 1.84
N THR A 337 -14.12 -4.22 2.20
CA THR A 337 -15.36 -3.95 1.47
C THR A 337 -15.06 -3.53 0.03
N TRP A 338 -13.97 -2.80 -0.18
CA TRP A 338 -13.58 -2.41 -1.53
C TRP A 338 -13.14 -3.62 -2.35
N THR A 339 -12.35 -4.50 -1.74
CA THR A 339 -12.02 -5.77 -2.38
C THR A 339 -13.28 -6.55 -2.74
N MET A 340 -14.25 -6.58 -1.84
CA MET A 340 -15.51 -7.28 -2.11
C MET A 340 -16.25 -6.64 -3.28
N SER A 341 -16.25 -5.31 -3.35
CA SER A 341 -16.91 -4.64 -4.46
C SER A 341 -16.24 -4.98 -5.78
N ASN A 342 -14.91 -5.08 -5.78
CA ASN A 342 -14.22 -5.49 -7.00
C ASN A 342 -14.49 -6.95 -7.34
N ILE A 343 -14.70 -7.79 -6.33
CA ILE A 343 -15.00 -9.20 -6.61
C ILE A 343 -16.41 -9.35 -7.17
N THR A 344 -17.38 -8.64 -6.59
CA THR A 344 -18.75 -8.71 -7.07
C THR A 344 -18.91 -8.09 -8.46
N ALA A 345 -17.92 -7.34 -8.93
CA ALA A 345 -17.91 -6.82 -10.29
C ALA A 345 -17.44 -7.85 -11.31
N GLY A 346 -17.18 -9.08 -10.90
CA GLY A 346 -16.66 -10.11 -11.75
C GLY A 346 -17.75 -11.00 -12.33
N ARG A 347 -17.38 -12.22 -12.67
CA ARG A 347 -18.28 -13.15 -13.33
C ARG A 347 -19.39 -13.60 -12.37
N GLN A 348 -20.43 -14.20 -12.94
CA GLN A 348 -21.54 -14.67 -12.11
C GLN A 348 -21.14 -15.81 -11.21
N ASP A 349 -20.23 -16.69 -11.67
CA ASP A 349 -19.75 -17.76 -10.80
C ASP A 349 -18.96 -17.21 -9.62
N GLN A 350 -18.29 -16.07 -9.80
CA GLN A 350 -17.56 -15.46 -8.68
C GLN A 350 -18.53 -14.82 -7.69
N ILE A 351 -19.61 -14.20 -8.18
CA ILE A 351 -20.66 -13.74 -7.30
C ILE A 351 -21.25 -14.91 -6.53
N GLN A 352 -21.40 -16.05 -7.19
CA GLN A 352 -21.95 -17.22 -6.52
C GLN A 352 -20.98 -17.74 -5.46
N GLN A 353 -19.68 -17.69 -5.73
CA GLN A 353 -18.69 -18.02 -4.71
C GLN A 353 -18.83 -17.09 -3.51
N VAL A 354 -19.01 -15.80 -3.76
CA VAL A 354 -19.25 -14.85 -2.66
C VAL A 354 -20.47 -15.27 -1.86
N VAL A 355 -21.54 -15.68 -2.55
CA VAL A 355 -22.76 -16.09 -1.86
C VAL A 355 -22.52 -17.32 -1.01
N ASN A 356 -21.81 -18.31 -1.56
CA ASN A 356 -21.64 -19.58 -0.86
C ASN A 356 -20.80 -19.44 0.39
N HIS A 357 -19.89 -18.47 0.42
CA HIS A 357 -19.10 -18.20 1.61
C HIS A 357 -19.86 -17.39 2.66
N GLY A 358 -21.16 -17.16 2.44
CA GLY A 358 -21.97 -16.48 3.43
C GLY A 358 -21.58 -15.04 3.67
N LEU A 359 -21.10 -14.34 2.64
CA LEU A 359 -20.58 -12.98 2.80
C LEU A 359 -21.63 -11.91 2.50
N VAL A 360 -22.76 -12.27 1.92
CA VAL A 360 -23.80 -11.28 1.64
C VAL A 360 -24.35 -10.73 2.96
N PRO A 361 -24.60 -11.57 3.97
CA PRO A 361 -25.02 -11.00 5.26
C PRO A 361 -24.01 -10.04 5.85
N PHE A 362 -22.72 -10.30 5.67
CA PHE A 362 -21.71 -9.36 6.15
C PHE A 362 -21.73 -8.07 5.35
N LEU A 363 -22.02 -8.14 4.06
CA LEU A 363 -22.18 -6.91 3.28
C LEU A 363 -23.37 -6.11 3.79
N VAL A 364 -24.48 -6.78 4.07
CA VAL A 364 -25.63 -6.10 4.68
C VAL A 364 -25.24 -5.46 6.00
N GLY A 365 -24.44 -6.17 6.80
CA GLY A 365 -24.03 -5.63 8.08
C GLY A 365 -23.20 -4.36 7.95
N VAL A 366 -22.19 -4.39 7.09
CA VAL A 366 -21.37 -3.20 6.89
C VAL A 366 -22.19 -2.07 6.29
N LEU A 367 -23.16 -2.40 5.45
CA LEU A 367 -24.04 -1.36 4.92
C LEU A 367 -24.91 -0.76 6.02
N SER A 368 -25.25 -1.55 7.03
CA SER A 368 -26.14 -1.06 8.09
C SER A 368 -25.38 -0.23 9.13
N LYS A 369 -24.17 -0.63 9.48
CA LYS A 369 -23.39 0.07 10.50
C LYS A 369 -21.92 0.00 10.15
N ALA A 370 -21.32 1.16 9.93
CA ALA A 370 -19.90 1.30 9.60
C ALA A 370 -19.65 2.78 9.33
N ASP A 371 -18.38 3.16 9.28
CA ASP A 371 -18.05 4.54 8.93
C ASP A 371 -18.46 4.80 7.48
N PHE A 372 -18.69 6.08 7.17
CA PHE A 372 -19.35 6.41 5.92
C PHE A 372 -18.58 5.89 4.71
N LYS A 373 -17.25 5.93 4.76
CA LYS A 373 -16.46 5.46 3.61
C LYS A 373 -16.65 3.96 3.40
N THR A 374 -16.66 3.18 4.47
CA THR A 374 -16.91 1.75 4.33
C THR A 374 -18.32 1.50 3.79
N GLN A 375 -19.29 2.25 4.28
CA GLN A 375 -20.66 2.11 3.77
C GLN A 375 -20.72 2.44 2.28
N LYS A 376 -19.92 3.41 1.84
CA LYS A 376 -19.89 3.76 0.43
C LYS A 376 -19.28 2.63 -0.41
N GLU A 377 -18.19 2.03 0.08
CA GLU A 377 -17.65 0.86 -0.60
C GLU A 377 -18.67 -0.27 -0.65
N ALA A 378 -19.46 -0.42 0.43
CA ALA A 378 -20.48 -1.47 0.45
C ALA A 378 -21.58 -1.18 -0.56
N ALA A 379 -22.00 0.08 -0.67
CA ALA A 379 -22.97 0.45 -1.69
C ALA A 379 -22.43 0.12 -3.08
N TRP A 380 -21.16 0.44 -3.34
CA TRP A 380 -20.56 0.08 -4.62
C TRP A 380 -20.60 -1.43 -4.84
N ALA A 381 -20.27 -2.21 -3.81
CA ALA A 381 -20.29 -3.66 -3.94
C ALA A 381 -21.69 -4.17 -4.27
N ILE A 382 -22.71 -3.59 -3.63
CA ILE A 382 -24.07 -4.01 -3.91
C ILE A 382 -24.48 -3.64 -5.33
N THR A 383 -24.08 -2.45 -5.79
CA THR A 383 -24.43 -2.06 -7.14
C THR A 383 -23.78 -2.97 -8.17
N ASN A 384 -22.51 -3.31 -7.96
CA ASN A 384 -21.84 -4.24 -8.87
C ASN A 384 -22.51 -5.62 -8.83
N TYR A 385 -22.81 -6.11 -7.62
CA TYR A 385 -23.54 -7.36 -7.49
C TYR A 385 -24.81 -7.36 -8.33
N THR A 386 -25.67 -6.36 -8.12
CA THR A 386 -26.95 -6.33 -8.80
C THR A 386 -26.78 -6.17 -10.31
N SER A 387 -25.76 -5.44 -10.75
CA SER A 387 -25.56 -5.24 -12.18
C SER A 387 -25.07 -6.52 -12.85
N GLY A 388 -24.24 -7.30 -12.16
CA GLY A 388 -23.65 -8.48 -12.78
C GLY A 388 -24.31 -9.79 -12.41
N GLY A 389 -25.20 -9.76 -11.41
CA GLY A 389 -25.77 -11.00 -10.89
C GLY A 389 -27.06 -11.41 -11.58
N THR A 390 -27.39 -12.68 -11.44
CA THR A 390 -28.65 -13.20 -11.94
C THR A 390 -29.81 -12.71 -11.06
N VAL A 391 -31.02 -12.82 -11.59
CA VAL A 391 -32.19 -12.44 -10.81
C VAL A 391 -32.32 -13.33 -9.58
N GLU A 392 -31.84 -14.57 -9.67
CA GLU A 392 -31.84 -15.45 -8.50
C GLU A 392 -30.92 -14.91 -7.41
N GLN A 393 -29.71 -14.50 -7.80
CA GLN A 393 -28.77 -13.93 -6.84
C GLN A 393 -29.30 -12.63 -6.27
N ILE A 394 -29.96 -11.81 -7.08
CA ILE A 394 -30.51 -10.55 -6.60
C ILE A 394 -31.66 -10.82 -5.64
N VAL A 395 -32.48 -11.84 -5.91
CA VAL A 395 -33.53 -12.23 -4.98
C VAL A 395 -32.93 -12.65 -3.65
N TYR A 396 -31.88 -13.48 -3.70
CA TYR A 396 -31.19 -13.85 -2.46
C TYR A 396 -30.72 -12.61 -1.71
N LEU A 397 -30.11 -11.67 -2.44
CA LEU A 397 -29.65 -10.42 -1.82
C LEU A 397 -30.79 -9.73 -1.09
N VAL A 398 -31.95 -9.61 -1.74
CA VAL A 398 -33.10 -8.98 -1.11
C VAL A 398 -33.51 -9.76 0.14
N HIS A 399 -33.48 -11.10 0.06
CA HIS A 399 -33.89 -11.92 1.19
C HIS A 399 -32.98 -11.72 2.39
N CYS A 400 -31.72 -11.35 2.16
CA CYS A 400 -30.79 -11.10 3.27
C CYS A 400 -31.04 -9.76 3.95
N GLY A 401 -31.92 -8.92 3.42
CA GLY A 401 -32.29 -7.69 4.07
C GLY A 401 -31.50 -6.48 3.62
N ILE A 402 -31.19 -6.40 2.33
CA ILE A 402 -30.39 -5.29 1.84
C ILE A 402 -31.23 -4.02 1.69
N ILE A 403 -32.53 -4.18 1.44
CA ILE A 403 -33.36 -3.04 1.07
C ILE A 403 -33.40 -2.00 2.19
N GLU A 404 -33.54 -2.45 3.45
CA GLU A 404 -33.70 -1.49 4.54
C GLU A 404 -32.45 -0.64 4.74
N PRO A 405 -31.25 -1.20 4.90
CA PRO A 405 -30.06 -0.34 5.01
C PRO A 405 -29.77 0.43 3.73
N LEU A 406 -30.08 -0.13 2.56
CA LEU A 406 -29.90 0.62 1.33
C LEU A 406 -30.75 1.88 1.32
N MET A 407 -32.01 1.77 1.78
CA MET A 407 -32.86 2.95 1.93
C MET A 407 -32.28 3.90 2.97
N ASN A 408 -31.90 3.38 4.13
CA ASN A 408 -31.38 4.22 5.20
C ASN A 408 -30.20 5.06 4.72
N LEU A 409 -29.38 4.51 3.83
CA LEU A 409 -28.21 5.23 3.32
C LEU A 409 -28.57 6.29 2.28
N LEU A 410 -29.85 6.45 1.92
CA LEU A 410 -30.22 7.44 0.92
C LEU A 410 -30.34 8.85 1.49
N SER A 411 -30.26 9.01 2.81
CA SER A 411 -30.25 10.33 3.44
C SER A 411 -28.87 10.95 3.48
N ALA A 412 -27.94 10.45 2.66
CA ALA A 412 -26.57 10.91 2.69
C ALA A 412 -26.42 12.23 1.92
N LYS A 413 -25.38 12.97 2.26
CA LYS A 413 -25.10 14.23 1.59
C LYS A 413 -24.44 14.01 0.23
N ASP A 414 -23.42 13.15 0.20
CA ASP A 414 -22.73 12.85 -1.05
C ASP A 414 -23.72 12.48 -2.13
N THR A 415 -23.61 13.13 -3.29
CA THR A 415 -24.49 12.83 -4.41
C THR A 415 -24.06 11.56 -5.14
N LYS A 416 -22.77 11.23 -5.07
CA LYS A 416 -22.28 10.01 -5.71
C LYS A 416 -22.87 8.77 -5.07
N ILE A 417 -22.86 8.69 -3.74
CA ILE A 417 -23.45 7.54 -3.06
C ILE A 417 -24.95 7.48 -3.36
N ILE A 418 -25.59 8.63 -3.47
CA ILE A 418 -27.02 8.66 -3.76
C ILE A 418 -27.28 8.05 -5.14
N GLN A 419 -26.52 8.49 -6.14
CA GLN A 419 -26.76 8.00 -7.49
C GLN A 419 -26.42 6.51 -7.62
N VAL A 420 -25.39 6.05 -6.92
CA VAL A 420 -25.05 4.62 -7.00
C VAL A 420 -26.11 3.78 -6.29
N ILE A 421 -26.64 4.29 -5.17
CA ILE A 421 -27.73 3.56 -4.51
C ILE A 421 -28.96 3.53 -5.39
N LEU A 422 -29.24 4.62 -6.11
CA LEU A 422 -30.36 4.62 -7.03
C LEU A 422 -30.15 3.63 -8.16
N ASP A 423 -28.91 3.52 -8.66
CA ASP A 423 -28.60 2.51 -9.67
C ASP A 423 -28.84 1.11 -9.13
N ALA A 424 -28.43 0.85 -7.89
CA ALA A 424 -28.67 -0.45 -7.29
C ALA A 424 -30.16 -0.75 -7.20
N ILE A 425 -30.94 0.23 -6.75
CA ILE A 425 -32.38 0.02 -6.62
C ILE A 425 -33.01 -0.20 -7.99
N SER A 426 -32.50 0.48 -9.02
CA SER A 426 -33.02 0.27 -10.36
C SER A 426 -32.73 -1.14 -10.85
N ASN A 427 -31.51 -1.63 -10.62
CA ASN A 427 -31.19 -3.01 -10.97
C ASN A 427 -32.10 -3.99 -10.23
N ILE A 428 -32.35 -3.73 -8.95
CA ILE A 428 -33.22 -4.60 -8.16
C ILE A 428 -34.63 -4.59 -8.74
N PHE A 429 -35.12 -3.42 -9.14
CA PHE A 429 -36.46 -3.34 -9.71
C PHE A 429 -36.55 -4.06 -11.05
N GLN A 430 -35.48 -4.02 -11.85
CA GLN A 430 -35.46 -4.78 -13.09
C GLN A 430 -35.52 -6.28 -12.81
N ALA A 431 -34.72 -6.74 -11.85
CA ALA A 431 -34.76 -8.14 -11.46
C ALA A 431 -36.16 -8.54 -10.99
N ALA A 432 -36.82 -7.66 -10.23
CA ALA A 432 -38.17 -7.94 -9.78
C ALA A 432 -39.16 -7.92 -10.94
N GLU A 433 -38.93 -7.08 -11.93
CA GLU A 433 -39.80 -7.05 -13.11
C GLU A 433 -39.77 -8.38 -13.84
N LYS A 434 -38.57 -8.96 -14.00
CA LYS A 434 -38.53 -10.26 -14.66
C LYS A 434 -39.28 -11.32 -13.88
N LEU A 435 -39.56 -11.09 -12.60
CA LEU A 435 -40.26 -12.05 -11.75
C LEU A 435 -41.74 -11.71 -11.55
N GLY A 436 -42.20 -10.56 -12.04
CA GLY A 436 -43.55 -10.13 -11.76
C GLY A 436 -43.80 -9.79 -10.31
N GLU A 437 -42.73 -9.60 -9.53
CA GLU A 437 -42.83 -9.28 -8.11
C GLU A 437 -42.62 -7.80 -7.84
N THR A 438 -42.81 -6.94 -8.85
CA THR A 438 -42.48 -5.54 -8.69
C THR A 438 -43.35 -4.86 -7.63
N GLU A 439 -44.62 -5.28 -7.52
CA GLU A 439 -45.46 -4.74 -6.45
C GLU A 439 -44.96 -5.18 -5.08
N LYS A 440 -44.43 -6.40 -4.98
CA LYS A 440 -43.81 -6.85 -3.74
C LYS A 440 -42.66 -5.93 -3.34
N LEU A 441 -41.79 -5.61 -4.30
CA LEU A 441 -40.67 -4.72 -4.03
C LEU A 441 -41.14 -3.31 -3.69
N SER A 442 -42.22 -2.86 -4.33
CA SER A 442 -42.79 -1.56 -4.00
C SER A 442 -43.25 -1.53 -2.55
N ILE A 443 -44.00 -2.55 -2.13
CA ILE A 443 -44.46 -2.62 -0.75
C ILE A 443 -43.28 -2.71 0.20
N MET A 444 -42.21 -3.40 -0.21
CA MET A 444 -41.03 -3.49 0.65
C MET A 444 -40.40 -2.11 0.84
N ILE A 445 -40.16 -1.39 -0.26
CA ILE A 445 -39.50 -0.09 -0.17
C ILE A 445 -40.40 0.95 0.51
N GLU A 446 -41.71 0.75 0.49
CA GLU A 446 -42.62 1.68 1.15
C GLU A 446 -42.87 1.34 2.61
N GLU A 447 -42.71 0.06 3.00
CA GLU A 447 -42.98 -0.33 4.37
C GLU A 447 -41.98 0.29 5.34
N CYS A 448 -40.69 0.28 4.99
CA CYS A 448 -39.66 0.85 5.84
C CYS A 448 -39.52 2.36 5.70
N GLY A 449 -40.51 3.02 5.12
CA GLY A 449 -40.43 4.47 4.95
C GLY A 449 -39.36 4.91 3.99
N GLY A 450 -39.10 4.13 2.94
CA GLY A 450 -38.04 4.45 2.00
C GLY A 450 -38.50 5.32 0.84
N LEU A 451 -39.71 5.07 0.34
CA LEU A 451 -40.22 5.83 -0.79
C LEU A 451 -40.20 7.33 -0.51
N ASP A 452 -40.40 7.72 0.75
CA ASP A 452 -40.31 9.13 1.11
C ASP A 452 -38.97 9.72 0.70
N LYS A 453 -37.89 8.97 0.90
CA LYS A 453 -36.56 9.48 0.58
C LYS A 453 -36.37 9.62 -0.92
N ILE A 454 -36.92 8.69 -1.71
CA ILE A 454 -36.84 8.82 -3.16
C ILE A 454 -37.63 10.03 -3.64
N GLU A 455 -38.83 10.23 -3.07
CA GLU A 455 -39.61 11.42 -3.39
C GLU A 455 -38.84 12.69 -3.05
N ALA A 456 -38.18 12.72 -1.90
CA ALA A 456 -37.39 13.88 -1.53
C ALA A 456 -36.24 14.10 -2.52
N LEU A 457 -35.58 13.01 -2.92
CA LEU A 457 -34.48 13.12 -3.88
C LEU A 457 -34.94 13.60 -5.25
N GLN A 458 -36.22 13.41 -5.58
CA GLN A 458 -36.72 13.92 -6.85
C GLN A 458 -36.27 15.36 -7.10
N ARG A 459 -36.09 16.15 -6.05
CA ARG A 459 -35.69 17.55 -6.16
C ARG A 459 -34.20 17.75 -5.85
N HIS A 460 -33.36 16.80 -6.22
CA HIS A 460 -31.94 16.91 -5.95
C HIS A 460 -31.26 17.81 -6.97
N GLU A 461 -30.16 18.45 -6.55
CA GLU A 461 -29.46 19.37 -7.43
C GLU A 461 -28.85 18.64 -8.62
N ASN A 462 -28.34 17.43 -8.40
CA ASN A 462 -27.75 16.66 -9.48
C ASN A 462 -28.82 16.26 -10.50
N GLU A 463 -28.52 16.44 -11.78
CA GLU A 463 -29.48 16.09 -12.82
C GLU A 463 -29.71 14.58 -12.87
N SER A 464 -28.64 13.79 -12.69
CA SER A 464 -28.78 12.34 -12.77
C SER A 464 -29.64 11.80 -11.65
N VAL A 465 -29.39 12.26 -10.41
CA VAL A 465 -30.22 11.85 -9.28
C VAL A 465 -31.67 12.27 -9.51
N TYR A 466 -31.86 13.53 -9.91
CA TYR A 466 -33.19 14.03 -10.26
C TYR A 466 -33.92 13.05 -11.19
N LYS A 467 -33.29 12.76 -12.33
CA LYS A 467 -33.96 11.96 -13.36
C LYS A 467 -34.18 10.53 -12.91
N ALA A 468 -33.21 9.93 -12.23
CA ALA A 468 -33.36 8.55 -11.79
C ALA A 468 -34.49 8.42 -10.77
N SER A 469 -34.53 9.32 -9.78
CA SER A 469 -35.61 9.29 -8.81
C SER A 469 -36.95 9.51 -9.47
N LEU A 470 -37.03 10.47 -10.40
CA LEU A 470 -38.29 10.71 -11.11
C LEU A 470 -38.74 9.47 -11.87
N ASN A 471 -37.82 8.82 -12.58
CA ASN A 471 -38.17 7.63 -13.34
C ASN A 471 -38.67 6.52 -12.43
N LEU A 472 -37.95 6.28 -11.34
CA LEU A 472 -38.37 5.23 -10.41
C LEU A 472 -39.76 5.51 -9.86
N ILE A 473 -40.01 6.74 -9.42
CA ILE A 473 -41.30 7.05 -8.81
C ILE A 473 -42.40 7.06 -9.86
N GLU A 474 -42.09 7.37 -11.11
CA GLU A 474 -43.11 7.40 -12.14
C GLU A 474 -43.49 6.00 -12.60
N LYS A 475 -42.53 5.09 -12.65
CA LYS A 475 -42.85 3.74 -13.13
C LYS A 475 -43.33 2.81 -12.02
N TYR A 476 -42.61 2.77 -10.89
CA TYR A 476 -42.90 1.78 -9.85
C TYR A 476 -43.71 2.33 -8.68
N PHE A 477 -43.94 3.65 -8.62
CA PHE A 477 -44.66 4.26 -7.50
C PHE A 477 -45.60 5.33 -8.04
N SER A 478 -46.60 4.90 -8.80
CA SER A 478 -47.61 5.80 -9.36
C SER A 478 -49.02 5.27 -9.08
N LYS B 8 -16.03 -1.77 -14.69
CA LYS B 8 -16.85 -2.04 -13.51
C LYS B 8 -15.97 -2.14 -12.26
N LYS B 9 -14.77 -2.69 -12.45
CA LYS B 9 -13.80 -2.80 -11.36
C LYS B 9 -13.16 -1.44 -11.12
N ARG B 10 -13.32 -0.90 -9.91
CA ARG B 10 -12.74 0.36 -9.54
C ARG B 10 -11.38 0.15 -8.85
N VAL B 11 -10.57 1.19 -8.85
CA VAL B 11 -9.21 1.12 -8.31
C VAL B 11 -9.16 1.86 -6.99
N LEU B 12 -8.23 1.44 -6.14
CA LEU B 12 -8.00 2.01 -4.81
C LEU B 12 -9.20 2.76 -4.23
N GLN B 50 0.23 2.91 1.35
CA GLN B 50 1.59 3.36 1.61
C GLN B 50 1.79 3.75 3.06
N GLN B 51 2.01 2.75 3.91
CA GLN B 51 2.22 2.96 5.34
C GLN B 51 3.71 3.04 5.68
N PRO B 52 4.56 2.18 5.13
CA PRO B 52 5.98 2.24 5.48
C PRO B 52 6.56 3.64 5.24
N ALA B 53 7.57 3.97 6.02
CA ALA B 53 8.23 5.26 5.88
C ALA B 53 8.96 5.32 4.55
N LYS B 54 8.70 6.35 3.76
CA LYS B 54 9.48 6.58 2.55
C LYS B 54 10.93 6.84 2.89
N LYS B 55 11.19 7.58 3.97
CA LYS B 55 12.54 7.84 4.45
C LYS B 55 12.57 7.65 5.96
N ARG B 56 13.71 7.18 6.46
CA ARG B 56 13.89 6.93 7.88
C ARG B 56 15.21 7.53 8.34
N LEU B 57 15.18 8.23 9.46
CA LEU B 57 16.40 8.77 10.06
C LEU B 57 16.93 7.74 11.05
N ASN B 58 18.25 7.52 10.99
CA ASN B 58 18.91 6.56 11.87
C ASN B 58 19.28 7.26 13.17
N PHE B 59 18.57 6.94 14.25
CA PHE B 59 18.82 7.55 15.55
C PHE B 59 19.85 6.80 16.39
N GLY B 60 20.09 5.52 16.09
CA GLY B 60 21.05 4.74 16.83
C GLY B 60 20.97 3.25 16.52
C1 GOL C . 40.11 4.11 14.53
O1 GOL C . 40.34 5.30 15.24
C2 GOL C . 41.09 3.99 13.38
O2 GOL C . 40.99 2.71 12.82
C3 GOL C . 40.80 5.07 12.33
O3 GOL C . 41.65 4.87 11.23
H11 GOL C . 39.21 4.07 14.17
H12 GOL C . 40.22 3.33 15.10
HO1 GOL C . 39.75 5.36 15.84
H2 GOL C . 41.98 4.15 13.73
HO2 GOL C . 40.18 2.58 12.60
H31 GOL C . 40.94 5.94 12.74
H32 GOL C . 39.86 5.02 12.08
HO3 GOL C . 42.43 5.13 11.43
#